data_3GQE
#
_entry.id   3GQE
#
_cell.length_a   129.610
_cell.length_b   129.610
_cell.length_c   42.490
_cell.angle_alpha   90.000
_cell.angle_beta   90.000
_cell.angle_gamma   90.000
#
_symmetry.space_group_name_H-M   'I 4'
#
loop_
_entity.id
_entity.type
_entity.pdbx_description
1 polymer 'Non-structural protein 3'
2 non-polymer BICINE
3 water water
#
_entity_poly.entity_id   1
_entity_poly.type   'polypeptide(L)'
_entity_poly.pdbx_seq_one_letter_code
;MKAPSYHVVRGDIATATEGVIINAANSKGQPGGGVCGALYKKFPESFDLQPIEVGKARLVKGAAKHIIHAVGPNFNKVSE
VEGDKQLAEAYESIAKIVNDNNYKSVAIPLLSTGIFSGNKDRLTQSLNHLLTALDTTDADVAIYCRDKKWEMTLKEAVAR
REHHHHHH
;
_entity_poly.pdbx_strand_id   A,B
#
# COMPACT_ATOMS: atom_id res chain seq x y z
N MET A 1 -16.21 -0.14 7.63
CA MET A 1 -14.87 0.30 7.41
C MET A 1 -14.18 0.45 8.75
N LYS A 2 -12.92 0.04 8.82
CA LYS A 2 -12.15 0.22 10.00
C LYS A 2 -11.54 1.56 9.82
N ALA A 3 -11.40 2.30 10.89
CA ALA A 3 -10.93 3.63 10.75
C ALA A 3 -9.97 3.98 11.83
N PRO A 4 -8.71 4.13 11.52
CA PRO A 4 -7.78 4.50 12.55
C PRO A 4 -7.76 5.97 12.76
N SER A 5 -7.15 6.37 13.84
CA SER A 5 -6.78 7.76 14.01
C SER A 5 -5.27 7.81 14.24
N TYR A 6 -4.65 8.92 13.84
CA TYR A 6 -3.21 9.10 13.96
C TYR A 6 -2.88 10.48 14.58
N HIS A 7 -1.85 10.52 15.40
CA HIS A 7 -1.24 11.72 15.93
C HIS A 7 0.21 11.45 16.20
N VAL A 8 1.00 12.48 16.30
CA VAL A 8 2.44 12.35 16.40
C VAL A 8 2.95 12.68 17.78
N VAL A 9 3.87 11.92 18.30
CA VAL A 9 4.46 12.22 19.55
C VAL A 9 5.97 12.28 19.47
N ARG A 10 6.56 13.38 19.89
CA ARG A 10 8.01 13.44 20.02
C ARG A 10 8.40 13.08 21.45
N GLY A 11 9.17 12.01 21.60
CA GLY A 11 9.66 11.61 22.93
C GLY A 11 10.11 10.16 23.06
N ASP A 12 9.98 9.63 24.29
CA ASP A 12 10.46 8.29 24.59
C ASP A 12 9.27 7.35 24.58
N ILE A 13 9.30 6.33 23.72
CA ILE A 13 8.16 5.39 23.58
C ILE A 13 7.86 4.57 24.86
N ALA A 14 8.87 4.39 25.72
CA ALA A 14 8.67 3.76 27.05
C ALA A 14 7.61 4.45 27.91
N THR A 15 7.49 5.76 27.73
CA THR A 15 6.54 6.56 28.48
C THR A 15 5.15 6.57 27.82
N ALA A 16 4.99 5.88 26.70
CA ALA A 16 3.71 5.94 25.98
C ALA A 16 2.56 5.44 26.86
N THR A 17 1.36 5.94 26.60
CA THR A 17 0.17 5.61 27.39
C THR A 17 -0.89 4.81 26.59
N GLU A 18 -0.51 4.40 25.39
CA GLU A 18 -1.34 3.57 24.56
C GLU A 18 -1.48 2.13 25.13
N GLY A 19 -2.41 1.35 24.55
CA GLY A 19 -2.67 -0.03 24.96
C GLY A 19 -1.49 -0.99 24.79
N VAL A 20 -0.69 -0.78 23.73
CA VAL A 20 0.44 -1.63 23.45
C VAL A 20 1.51 -0.75 22.81
N ILE A 21 2.77 -1.15 23.00
N ILE A 21 2.78 -1.10 23.00
CA ILE A 21 3.94 -0.45 22.44
CA ILE A 21 3.81 -0.35 22.30
C ILE A 21 4.59 -1.32 21.38
C ILE A 21 4.65 -1.26 21.43
N ILE A 22 5.15 -0.71 20.34
CA ILE A 22 5.99 -1.47 19.36
C ILE A 22 7.46 -1.26 19.65
N ASN A 23 8.18 -2.38 19.82
CA ASN A 23 9.64 -2.40 19.81
C ASN A 23 10.18 -2.71 18.39
N ALA A 24 10.91 -1.77 17.83
CA ALA A 24 11.55 -1.95 16.55
C ALA A 24 12.79 -2.75 16.87
N ALA A 25 12.71 -4.07 16.74
CA ALA A 25 13.74 -4.95 17.20
C ALA A 25 14.69 -5.40 16.06
N ASN A 26 15.82 -5.99 16.45
CA ASN A 26 16.60 -6.78 15.54
C ASN A 26 16.11 -8.22 15.68
N SER A 27 16.64 -9.13 14.89
CA SER A 27 16.15 -10.48 14.86
C SER A 27 16.47 -11.30 16.13
N LYS A 28 17.12 -10.68 17.08
CA LYS A 28 17.34 -11.25 18.38
C LYS A 28 16.27 -10.82 19.37
N GLY A 29 15.35 -9.97 18.93
CA GLY A 29 14.35 -9.36 19.79
C GLY A 29 14.79 -8.11 20.52
N GLN A 30 16.07 -7.75 20.41
CA GLN A 30 16.55 -6.60 21.18
C GLN A 30 16.22 -5.24 20.56
N PRO A 31 15.96 -4.24 21.42
CA PRO A 31 15.88 -2.88 20.92
C PRO A 31 17.29 -2.36 20.64
N GLY A 32 17.36 -1.13 20.15
CA GLY A 32 18.63 -0.43 20.03
C GLY A 32 19.36 -0.32 21.36
N GLY A 33 20.65 -0.62 21.36
CA GLY A 33 21.44 -0.59 22.55
C GLY A 33 21.48 -1.90 23.27
N GLY A 34 20.74 -2.86 22.78
CA GLY A 34 20.65 -4.15 23.38
C GLY A 34 19.93 -4.04 24.68
N VAL A 35 20.52 -4.67 25.67
CA VAL A 35 20.08 -4.59 27.04
C VAL A 35 20.25 -3.21 27.65
N CYS A 36 20.92 -2.32 26.96
CA CYS A 36 21.06 -1.00 27.46
C CYS A 36 19.96 -0.03 26.99
N GLY A 37 19.08 -0.50 26.12
CA GLY A 37 18.00 0.32 25.59
C GLY A 37 16.93 0.56 26.62
N ALA A 38 16.28 1.70 26.55
CA ALA A 38 15.39 2.12 27.60
C ALA A 38 14.25 1.19 27.82
N LEU A 39 13.72 0.64 26.75
CA LEU A 39 12.61 -0.27 26.83
C LEU A 39 12.95 -1.56 27.56
N TYR A 40 14.16 -2.02 27.38
CA TYR A 40 14.67 -3.21 28.01
C TYR A 40 14.89 -3.02 29.51
N LYS A 41 15.46 -1.89 29.85
CA LYS A 41 15.76 -1.56 31.24
C LYS A 41 14.47 -1.37 32.05
N LYS A 42 13.51 -0.67 31.46
CA LYS A 42 12.19 -0.48 32.04
C LYS A 42 11.31 -1.74 32.09
N PHE A 43 11.26 -2.52 31.00
CA PHE A 43 10.32 -3.66 30.93
C PHE A 43 10.95 -5.01 30.55
N PRO A 44 12.08 -5.38 31.16
CA PRO A 44 12.66 -6.67 30.72
C PRO A 44 11.59 -7.79 30.67
N GLU A 45 10.62 -7.70 31.58
CA GLU A 45 9.48 -8.62 31.68
C GLU A 45 8.61 -8.77 30.42
N SER A 46 8.66 -7.79 29.53
CA SER A 46 7.89 -7.86 28.30
C SER A 46 8.78 -8.26 27.10
N PHE A 47 9.97 -8.76 27.41
CA PHE A 47 10.91 -9.22 26.40
C PHE A 47 11.09 -10.71 26.58
N ASP A 48 10.46 -11.51 25.73
CA ASP A 48 10.93 -12.88 25.62
C ASP A 48 12.27 -12.81 24.86
N LEU A 49 13.02 -13.87 24.77
CA LEU A 49 14.34 -13.69 24.23
C LEU A 49 14.62 -14.59 23.09
N GLN A 50 13.62 -14.79 22.29
CA GLN A 50 13.65 -15.72 21.18
C GLN A 50 13.77 -15.02 19.81
N PRO A 51 14.41 -15.67 18.82
CA PRO A 51 14.55 -15.13 17.46
C PRO A 51 13.21 -14.77 16.77
N ILE A 52 13.20 -13.64 16.08
CA ILE A 52 12.06 -13.22 15.25
C ILE A 52 12.56 -13.05 13.81
N GLU A 53 11.85 -13.65 12.86
CA GLU A 53 12.21 -13.51 11.44
C GLU A 53 11.99 -12.07 10.97
N VAL A 54 12.80 -11.64 10.00
CA VAL A 54 12.62 -10.33 9.35
C VAL A 54 11.20 -10.16 8.77
N GLY A 55 10.57 -9.02 9.06
CA GLY A 55 9.20 -8.79 8.56
C GLY A 55 8.12 -9.44 9.43
N LYS A 56 8.52 -10.26 10.40
CA LYS A 56 7.59 -10.84 11.34
C LYS A 56 7.45 -9.97 12.61
N ALA A 57 6.45 -10.29 13.44
CA ALA A 57 6.29 -9.62 14.76
C ALA A 57 5.75 -10.57 15.85
N ARG A 58 6.07 -10.28 17.12
CA ARG A 58 5.66 -11.14 18.23
C ARG A 58 5.19 -10.31 19.44
N LEU A 59 3.98 -10.58 19.91
CA LEU A 59 3.43 -9.89 21.07
C LEU A 59 3.82 -10.55 22.40
N VAL A 60 4.27 -9.73 23.33
CA VAL A 60 4.49 -10.25 24.69
C VAL A 60 3.62 -9.44 25.67
N LYS A 61 2.76 -10.13 26.41
CA LYS A 61 1.80 -9.46 27.30
C LYS A 61 2.36 -9.23 28.70
N GLY A 62 3.40 -8.41 28.81
CA GLY A 62 3.96 -8.09 30.14
C GLY A 62 2.92 -7.42 31.03
N ALA A 63 2.99 -7.70 32.32
CA ALA A 63 2.10 -7.09 33.32
C ALA A 63 2.17 -5.56 33.34
N ALA A 64 3.36 -5.01 33.24
CA ALA A 64 3.55 -3.60 33.18
C ALA A 64 3.51 -2.98 31.76
N LYS A 65 3.30 -3.78 30.73
CA LYS A 65 3.40 -3.33 29.35
C LYS A 65 3.00 -4.48 28.45
N HIS A 66 2.50 -4.17 27.30
CA HIS A 66 2.21 -5.16 26.33
C HIS A 66 3.11 -4.68 25.20
N ILE A 67 4.02 -5.51 24.74
CA ILE A 67 4.97 -5.10 23.72
C ILE A 67 4.96 -5.98 22.49
N ILE A 68 4.80 -5.35 21.32
CA ILE A 68 4.89 -6.02 20.01
C ILE A 68 6.31 -5.81 19.50
N HIS A 69 7.04 -6.90 19.32
CA HIS A 69 8.40 -6.79 18.83
C HIS A 69 8.37 -7.05 17.35
N ALA A 70 8.81 -6.09 16.56
CA ALA A 70 8.67 -6.21 15.10
C ALA A 70 9.99 -5.93 14.44
N VAL A 71 10.35 -6.80 13.49
CA VAL A 71 11.66 -6.73 12.84
C VAL A 71 11.55 -6.14 11.43
N GLY A 72 11.93 -4.87 11.29
CA GLY A 72 12.03 -4.25 9.96
C GLY A 72 13.30 -4.71 9.26
N PRO A 73 13.49 -4.32 7.98
CA PRO A 73 14.73 -4.63 7.28
C PRO A 73 15.93 -3.77 7.72
N ASN A 74 17.13 -4.35 7.68
CA ASN A 74 18.39 -3.59 7.84
C ASN A 74 18.93 -3.26 6.46
N PHE A 75 18.83 -1.98 6.06
CA PHE A 75 19.27 -1.57 4.72
C PHE A 75 20.78 -1.53 4.49
N ASN A 76 21.57 -1.71 5.56
CA ASN A 76 22.99 -1.96 5.42
C ASN A 76 23.24 -3.31 4.76
N LYS A 77 22.24 -4.20 4.86
CA LYS A 77 22.37 -5.60 4.49
C LYS A 77 21.51 -6.04 3.30
N VAL A 78 20.31 -5.52 3.18
CA VAL A 78 19.40 -5.97 2.12
C VAL A 78 19.24 -4.91 1.02
N SER A 79 18.96 -5.36 -0.21
CA SER A 79 18.71 -4.46 -1.32
C SER A 79 17.53 -3.50 -1.02
N GLU A 80 17.48 -2.36 -1.70
CA GLU A 80 16.34 -1.42 -1.67
C GLU A 80 14.98 -2.05 -1.99
N VAL A 81 14.93 -2.94 -2.99
CA VAL A 81 13.68 -3.59 -3.38
C VAL A 81 13.23 -4.66 -2.38
N GLU A 82 14.17 -5.49 -1.92
CA GLU A 82 13.86 -6.51 -0.90
C GLU A 82 13.47 -5.89 0.46
N GLY A 83 14.21 -4.87 0.89
CA GLY A 83 13.93 -4.17 2.15
C GLY A 83 12.58 -3.48 2.16
N ASP A 84 12.21 -2.85 1.06
CA ASP A 84 10.88 -2.29 0.95
C ASP A 84 9.81 -3.37 1.15
N LYS A 85 9.98 -4.52 0.51
CA LYS A 85 9.05 -5.62 0.69
C LYS A 85 8.94 -6.08 2.17
N GLN A 86 10.08 -6.14 2.85
CA GLN A 86 10.14 -6.60 4.24
C GLN A 86 9.57 -5.55 5.19
N LEU A 87 9.75 -4.28 4.86
CA LEU A 87 9.25 -3.19 5.65
C LEU A 87 7.73 -3.17 5.65
N ALA A 88 7.13 -3.37 4.46
CA ALA A 88 5.67 -3.48 4.33
C ALA A 88 5.18 -4.70 5.12
N GLU A 89 5.93 -5.79 5.01
CA GLU A 89 5.65 -7.00 5.77
C GLU A 89 5.63 -6.75 7.29
N ALA A 90 6.65 -6.06 7.81
CA ALA A 90 6.76 -5.81 9.24
C ALA A 90 5.57 -5.05 9.77
N TYR A 91 5.19 -3.99 9.08
CA TYR A 91 4.02 -3.23 9.48
C TYR A 91 2.71 -4.01 9.40
N GLU A 92 2.58 -4.84 8.38
N GLU A 92 2.58 -4.86 8.40
CA GLU A 92 1.44 -5.75 8.19
CA GLU A 92 1.38 -5.68 8.26
C GLU A 92 1.33 -6.74 9.37
C GLU A 92 1.32 -6.72 9.39
N SER A 93 2.47 -7.22 9.83
CA SER A 93 2.53 -8.17 10.94
C SER A 93 2.10 -7.54 12.25
N ILE A 94 2.40 -6.25 12.43
CA ILE A 94 1.93 -5.45 13.55
C ILE A 94 0.41 -5.25 13.52
N ALA A 95 -0.13 -4.86 12.36
CA ALA A 95 -1.57 -4.59 12.22
C ALA A 95 -2.41 -5.81 12.53
N LYS A 96 -1.95 -6.96 12.04
CA LYS A 96 -2.56 -8.26 12.27
C LYS A 96 -2.73 -8.55 13.77
N ILE A 97 -1.66 -8.40 14.53
CA ILE A 97 -1.69 -8.55 15.99
C ILE A 97 -2.63 -7.52 16.67
N VAL A 98 -2.56 -6.27 16.25
CA VAL A 98 -3.48 -5.22 16.72
C VAL A 98 -4.95 -5.64 16.53
N ASN A 99 -5.27 -6.16 15.34
CA ASN A 99 -6.63 -6.69 15.08
C ASN A 99 -6.98 -7.94 15.87
N ASP A 100 -6.13 -8.94 15.86
CA ASP A 100 -6.48 -10.21 16.53
C ASP A 100 -6.68 -10.05 18.04
N ASN A 101 -6.08 -9.01 18.62
CA ASN A 101 -6.24 -8.72 20.03
C ASN A 101 -7.15 -7.53 20.31
N ASN A 102 -7.75 -6.99 19.25
CA ASN A 102 -8.57 -5.78 19.34
C ASN A 102 -7.93 -4.68 20.23
N TYR A 103 -6.66 -4.33 20.00
CA TYR A 103 -6.12 -3.17 20.71
C TYR A 103 -6.78 -1.87 20.24
N LYS A 104 -7.14 -1.04 21.21
CA LYS A 104 -7.86 0.21 20.97
C LYS A 104 -6.91 1.37 20.63
N SER A 105 -5.71 1.34 21.20
CA SER A 105 -4.67 2.33 20.93
C SER A 105 -3.29 1.64 20.93
N VAL A 106 -2.37 2.21 20.15
N VAL A 106 -2.36 2.18 20.13
CA VAL A 106 -1.07 1.61 19.91
CA VAL A 106 -1.06 1.56 19.93
C VAL A 106 -0.04 2.74 19.79
C VAL A 106 0.03 2.61 19.65
N ALA A 107 1.15 2.55 20.38
CA ALA A 107 2.30 3.46 20.15
C ALA A 107 3.33 2.82 19.22
N ILE A 108 3.71 3.51 18.14
CA ILE A 108 4.57 2.87 17.10
C ILE A 108 5.67 3.81 16.63
N PRO A 109 6.94 3.35 16.64
CA PRO A 109 7.94 4.16 15.97
C PRO A 109 8.04 3.85 14.45
N LEU A 110 8.89 4.59 13.76
CA LEU A 110 9.13 4.40 12.34
C LEU A 110 10.21 3.32 12.11
N LEU A 111 9.80 2.10 11.79
CA LEU A 111 10.76 1.01 11.58
C LEU A 111 11.80 1.33 10.51
N SER A 112 13.04 0.91 10.79
CA SER A 112 14.15 0.98 9.85
C SER A 112 14.59 2.41 9.51
N THR A 113 14.35 3.34 10.43
CA THR A 113 14.75 4.74 10.21
C THR A 113 15.92 5.14 11.11
N GLY A 114 16.43 4.19 11.90
CA GLY A 114 17.63 4.44 12.73
C GLY A 114 18.85 3.63 12.28
N ILE A 115 19.25 2.66 13.10
CA ILE A 115 20.41 1.78 12.86
C ILE A 115 20.25 0.90 11.61
N PHE A 116 18.98 0.66 11.25
CA PHE A 116 18.62 -0.13 10.08
C PHE A 116 18.42 0.72 8.80
N SER A 117 18.59 2.04 8.88
CA SER A 117 18.32 2.89 7.72
C SER A 117 19.37 2.78 6.59
N GLY A 118 20.56 2.30 6.91
CA GLY A 118 21.68 2.42 6.00
C GLY A 118 22.12 3.87 5.81
N ASN A 119 21.93 4.71 6.82
CA ASN A 119 22.36 6.12 6.79
C ASN A 119 21.67 6.90 5.66
N LYS A 120 20.41 6.58 5.42
CA LYS A 120 19.53 7.36 4.58
C LYS A 120 18.28 7.70 5.32
N ASP A 121 17.71 8.83 4.97
CA ASP A 121 16.45 9.33 5.53
C ASP A 121 15.28 8.51 4.94
N ARG A 122 14.57 7.78 5.78
CA ARG A 122 13.51 6.87 5.33
C ARG A 122 12.17 7.23 5.93
N LEU A 123 12.05 8.45 6.41
CA LEU A 123 10.85 8.92 7.07
C LEU A 123 9.59 8.59 6.24
N THR A 124 9.58 9.09 5.02
CA THR A 124 8.41 8.99 4.12
C THR A 124 8.12 7.57 3.77
N GLN A 125 9.15 6.83 3.34
CA GLN A 125 9.02 5.39 3.04
C GLN A 125 8.42 4.59 4.19
N SER A 126 8.95 4.79 5.39
CA SER A 126 8.52 4.05 6.58
C SER A 126 7.11 4.44 7.03
N LEU A 127 6.85 5.75 7.11
CA LEU A 127 5.49 6.27 7.38
C LEU A 127 4.40 5.68 6.46
N ASN A 128 4.69 5.64 5.15
CA ASN A 128 3.73 5.21 4.13
C ASN A 128 3.32 3.72 4.26
N HIS A 129 4.28 2.86 4.57
CA HIS A 129 3.98 1.49 4.95
C HIS A 129 3.21 1.41 6.30
N LEU A 130 3.49 2.34 7.21
CA LEU A 130 2.81 2.38 8.53
C LEU A 130 1.34 2.70 8.33
N LEU A 131 1.04 3.76 7.59
CA LEU A 131 -0.35 4.13 7.27
C LEU A 131 -1.10 3.04 6.50
N THR A 132 -0.46 2.42 5.51
CA THR A 132 -1.16 1.41 4.72
C THR A 132 -1.67 0.25 5.60
N ALA A 133 -0.79 -0.22 6.50
CA ALA A 133 -1.11 -1.33 7.40
C ALA A 133 -2.06 -0.96 8.53
N LEU A 134 -1.85 0.20 9.15
CA LEU A 134 -2.68 0.59 10.29
C LEU A 134 -4.04 1.08 9.83
N ASP A 135 -4.17 1.43 8.54
CA ASP A 135 -5.50 1.70 7.93
C ASP A 135 -6.40 0.48 7.92
N THR A 136 -5.88 -0.71 8.26
CA THR A 136 -6.72 -1.91 8.31
C THR A 136 -7.17 -2.18 9.76
N THR A 137 -6.88 -1.25 10.67
CA THR A 137 -7.27 -1.42 12.09
C THR A 137 -8.20 -0.30 12.53
N ASP A 138 -8.80 -0.46 13.71
CA ASP A 138 -9.66 0.54 14.32
C ASP A 138 -8.92 1.37 15.38
N ALA A 139 -7.59 1.20 15.48
CA ALA A 139 -6.81 1.77 16.58
C ALA A 139 -6.58 3.29 16.52
N ASP A 140 -6.41 3.91 17.68
CA ASP A 140 -5.84 5.25 17.77
C ASP A 140 -4.32 5.11 17.88
N VAL A 141 -3.61 5.62 16.87
CA VAL A 141 -2.20 5.36 16.68
C VAL A 141 -1.35 6.59 17.04
N ALA A 142 -0.51 6.44 18.07
CA ALA A 142 0.49 7.43 18.41
C ALA A 142 1.78 7.08 17.66
N ILE A 143 2.17 7.93 16.70
CA ILE A 143 3.41 7.71 15.93
C ILE A 143 4.58 8.42 16.61
N TYR A 144 5.55 7.64 17.10
CA TYR A 144 6.68 8.17 17.89
C TYR A 144 7.94 8.56 17.08
N CYS A 145 8.58 9.67 17.48
CA CYS A 145 9.88 10.05 16.90
C CYS A 145 10.80 10.72 17.93
N ARG A 146 12.11 10.69 17.70
CA ARG A 146 13.04 11.41 18.58
C ARG A 146 13.35 12.84 18.13
N ASP A 147 13.45 13.03 16.82
CA ASP A 147 14.02 14.25 16.24
C ASP A 147 12.97 15.35 15.98
N LYS A 148 13.28 16.60 16.33
CA LYS A 148 12.31 17.68 16.17
C LYS A 148 11.97 18.08 14.72
N LYS A 149 12.90 17.89 13.79
CA LYS A 149 12.60 18.12 12.38
C LYS A 149 11.67 17.03 11.85
N TRP A 150 11.91 15.80 12.29
CA TRP A 150 11.07 14.68 11.90
C TRP A 150 9.62 14.84 12.37
N GLU A 151 9.46 15.37 13.58
CA GLU A 151 8.15 15.66 14.14
C GLU A 151 7.29 16.55 13.22
N MET A 152 7.86 17.63 12.73
CA MET A 152 7.14 18.56 11.84
C MET A 152 6.75 17.90 10.50
N THR A 153 7.68 17.13 9.93
CA THR A 153 7.42 16.36 8.72
C THR A 153 6.36 15.29 8.97
N LEU A 154 6.43 14.58 10.10
CA LEU A 154 5.38 13.63 10.42
C LEU A 154 3.98 14.28 10.53
N LYS A 155 3.86 15.40 11.24
CA LYS A 155 2.58 16.10 11.34
C LYS A 155 2.00 16.51 9.98
N GLU A 156 2.89 16.95 9.08
CA GLU A 156 2.49 17.43 7.74
C GLU A 156 1.91 16.26 6.97
N ALA A 157 2.69 15.19 6.93
CA ALA A 157 2.30 13.99 6.23
C ALA A 157 0.96 13.48 6.78
N VAL A 158 0.82 13.48 8.11
CA VAL A 158 -0.42 13.05 8.78
C VAL A 158 -1.62 13.93 8.46
N ALA A 159 -1.40 15.25 8.36
CA ALA A 159 -2.48 16.18 8.04
C ALA A 159 -2.91 16.16 6.56
N ARG A 160 -1.98 15.82 5.66
CA ARG A 160 -2.29 15.71 4.23
C ARG A 160 -3.31 14.59 3.91
N ARG A 161 -3.33 13.53 4.70
CA ARG A 161 -4.25 12.38 4.57
C ARG A 161 -5.75 12.71 4.50
N GLU A 162 -6.50 11.82 3.86
CA GLU A 162 -7.90 11.96 3.40
C GLU A 162 -8.04 12.77 2.10
N ALA B 3 0.13 13.86 -29.18
CA ALA B 3 0.66 12.57 -28.64
C ALA B 3 0.23 12.34 -27.21
N PRO B 4 -0.07 11.07 -26.85
CA PRO B 4 -0.30 10.74 -25.44
C PRO B 4 1.00 10.86 -24.66
N SER B 5 0.88 11.02 -23.34
CA SER B 5 2.05 10.94 -22.47
C SER B 5 1.78 9.99 -21.31
N TYR B 6 2.83 9.32 -20.84
CA TYR B 6 2.75 8.33 -19.76
C TYR B 6 3.72 8.65 -18.62
N HIS B 7 3.22 8.50 -17.40
CA HIS B 7 4.05 8.42 -16.21
C HIS B 7 3.50 7.40 -15.17
N VAL B 8 4.42 6.74 -14.49
CA VAL B 8 4.17 5.69 -13.52
C VAL B 8 4.00 6.26 -12.15
N VAL B 9 2.97 5.85 -11.45
CA VAL B 9 2.75 6.26 -10.08
C VAL B 9 2.59 5.07 -9.16
N ARG B 10 3.38 5.01 -8.12
CA ARG B 10 3.20 4.02 -7.09
C ARG B 10 2.39 4.63 -5.96
N GLY B 11 1.20 4.07 -5.75
CA GLY B 11 0.36 4.41 -4.59
C GLY B 11 -1.05 3.86 -4.75
N ASP B 12 -1.98 4.46 -4.01
CA ASP B 12 -3.41 4.11 -4.01
C ASP B 12 -4.16 4.87 -5.12
N ILE B 13 -4.63 4.14 -6.14
CA ILE B 13 -5.34 4.74 -7.27
C ILE B 13 -6.62 5.51 -6.87
N ALA B 14 -7.19 5.19 -5.71
CA ALA B 14 -8.29 5.99 -5.16
C ALA B 14 -7.85 7.42 -4.78
N THR B 15 -6.55 7.67 -4.66
CA THR B 15 -6.06 9.06 -4.40
C THR B 15 -5.67 9.78 -5.69
N ALA B 16 -5.78 9.13 -6.84
CA ALA B 16 -5.41 9.73 -8.14
C ALA B 16 -6.06 11.08 -8.36
N THR B 17 -5.26 12.03 -8.86
CA THR B 17 -5.71 13.41 -9.07
C THR B 17 -6.38 13.64 -10.42
N GLU B 18 -6.24 12.70 -11.35
CA GLU B 18 -6.82 12.91 -12.67
C GLU B 18 -8.35 12.80 -12.67
N GLY B 19 -8.99 13.34 -13.72
CA GLY B 19 -10.45 13.42 -13.83
C GLY B 19 -11.12 12.07 -14.06
N VAL B 20 -10.34 11.12 -14.57
CA VAL B 20 -10.87 9.79 -14.89
C VAL B 20 -9.97 8.72 -14.34
N ILE B 21 -10.57 7.80 -13.57
CA ILE B 21 -9.87 6.71 -12.92
C ILE B 21 -10.53 5.41 -13.37
N ILE B 22 -9.76 4.45 -13.83
CA ILE B 22 -10.28 3.14 -14.16
C ILE B 22 -10.35 2.20 -12.95
N ASN B 23 -11.50 1.57 -12.72
CA ASN B 23 -11.64 0.44 -11.84
C ASN B 23 -11.45 -0.85 -12.61
N ALA B 24 -10.39 -1.57 -12.30
CA ALA B 24 -10.18 -2.91 -12.75
C ALA B 24 -11.29 -3.81 -12.19
N ALA B 25 -12.42 -3.81 -12.85
CA ALA B 25 -13.62 -4.46 -12.41
C ALA B 25 -13.73 -5.96 -12.68
N ASN B 26 -14.63 -6.62 -11.98
CA ASN B 26 -15.10 -7.96 -12.35
C ASN B 26 -16.45 -7.83 -13.05
N SER B 27 -16.97 -8.93 -13.60
CA SER B 27 -18.16 -8.91 -14.43
C SER B 27 -19.45 -8.43 -13.75
N LYS B 28 -19.42 -8.28 -12.42
CA LYS B 28 -20.55 -7.69 -11.67
C LYS B 28 -20.38 -6.19 -11.40
N GLY B 29 -19.30 -5.60 -11.90
CA GLY B 29 -19.05 -4.15 -11.75
C GLY B 29 -18.30 -3.76 -10.49
N GLN B 30 -18.12 -4.72 -9.58
CA GLN B 30 -17.34 -4.55 -8.36
C GLN B 30 -15.85 -4.38 -8.69
N PRO B 31 -15.06 -3.82 -7.75
CA PRO B 31 -13.62 -3.87 -7.93
C PRO B 31 -13.17 -5.33 -7.99
N GLY B 32 -12.29 -5.66 -8.93
CA GLY B 32 -11.79 -7.02 -9.07
C GLY B 32 -11.10 -7.58 -7.83
N GLY B 33 -10.47 -6.70 -7.05
CA GLY B 33 -9.74 -7.10 -5.86
C GLY B 33 -10.65 -7.36 -4.67
N GLY B 34 -11.95 -7.10 -4.82
CA GLY B 34 -12.93 -7.37 -3.74
C GLY B 34 -14.07 -6.37 -3.67
N VAL B 35 -15.14 -6.75 -2.96
CA VAL B 35 -16.33 -5.91 -2.76
C VAL B 35 -16.05 -4.57 -2.06
N CYS B 36 -15.04 -4.57 -1.18
CA CYS B 36 -14.68 -3.39 -0.43
C CYS B 36 -13.32 -2.83 -0.86
N GLY B 37 -13.00 -2.98 -2.15
CA GLY B 37 -11.89 -2.27 -2.78
C GLY B 37 -11.99 -0.76 -2.53
N ALA B 38 -10.84 -0.13 -2.40
CA ALA B 38 -10.72 1.28 -2.12
C ALA B 38 -11.52 2.22 -3.00
N LEU B 39 -11.67 1.92 -4.25
CA LEU B 39 -12.37 2.80 -5.15
C LEU B 39 -13.85 2.79 -4.84
N TYR B 40 -14.36 1.66 -4.37
CA TYR B 40 -15.75 1.59 -4.05
C TYR B 40 -16.04 2.19 -2.70
N LYS B 41 -15.20 1.92 -1.73
CA LYS B 41 -15.32 2.59 -0.43
C LYS B 41 -15.33 4.11 -0.61
N LYS B 42 -14.51 4.60 -1.51
CA LYS B 42 -14.34 6.05 -1.66
C LYS B 42 -15.42 6.68 -2.50
N PHE B 43 -15.77 6.04 -3.62
CA PHE B 43 -16.74 6.57 -4.58
C PHE B 43 -17.93 5.61 -4.87
N PRO B 44 -18.62 5.16 -3.85
CA PRO B 44 -19.65 4.15 -4.04
C PRO B 44 -20.75 4.55 -4.96
N GLU B 45 -20.81 5.81 -5.33
CA GLU B 45 -21.84 6.30 -6.17
C GLU B 45 -21.44 6.25 -7.62
N SER B 46 -20.19 5.93 -7.88
CA SER B 46 -19.76 5.81 -9.25
C SER B 46 -19.74 4.37 -9.64
N PHE B 47 -20.48 3.58 -8.89
CA PHE B 47 -20.58 2.15 -9.10
C PHE B 47 -22.04 1.82 -9.26
N ASP B 48 -22.44 1.44 -10.44
CA ASP B 48 -23.80 1.04 -10.61
C ASP B 48 -24.01 -0.40 -10.26
N LEU B 49 -22.99 -1.20 -10.37
CA LEU B 49 -23.13 -2.60 -10.05
C LEU B 49 -24.10 -3.31 -11.00
N GLN B 50 -24.03 -2.94 -12.25
CA GLN B 50 -24.62 -3.69 -13.33
C GLN B 50 -23.55 -4.51 -13.99
N PRO B 51 -23.94 -5.60 -14.62
CA PRO B 51 -22.96 -6.50 -15.19
C PRO B 51 -22.29 -5.92 -16.39
N ILE B 52 -21.11 -6.43 -16.63
CA ILE B 52 -20.23 -5.96 -17.70
C ILE B 52 -19.45 -7.18 -18.19
N GLU B 53 -19.42 -7.41 -19.48
CA GLU B 53 -18.76 -8.61 -19.91
C GLU B 53 -17.26 -8.45 -20.02
N VAL B 54 -16.56 -9.55 -19.99
CA VAL B 54 -15.12 -9.52 -20.12
C VAL B 54 -14.72 -8.83 -21.40
N GLY B 55 -13.85 -7.85 -21.29
CA GLY B 55 -13.27 -7.16 -22.40
C GLY B 55 -13.90 -5.85 -22.68
N LYS B 56 -14.93 -5.50 -21.95
CA LYS B 56 -15.63 -4.26 -22.14
C LYS B 56 -15.52 -3.31 -20.94
N ALA B 57 -15.96 -2.08 -21.14
CA ALA B 57 -15.79 -1.03 -20.14
C ALA B 57 -16.96 -0.07 -20.14
N ARG B 58 -17.28 0.50 -18.98
CA ARG B 58 -18.40 1.43 -18.86
C ARG B 58 -18.10 2.63 -17.96
N LEU B 59 -18.35 3.81 -18.50
CA LEU B 59 -18.21 5.04 -17.77
C LEU B 59 -19.41 5.26 -16.83
N VAL B 60 -19.10 5.52 -15.56
CA VAL B 60 -20.10 6.13 -14.68
C VAL B 60 -19.63 7.53 -14.27
N LYS B 61 -20.33 8.53 -14.77
CA LYS B 61 -20.05 9.92 -14.42
C LYS B 61 -20.48 10.18 -12.99
N GLY B 62 -19.61 10.79 -12.20
CA GLY B 62 -19.89 11.08 -10.80
C GLY B 62 -19.56 12.51 -10.40
N ALA B 63 -20.25 13.01 -9.37
CA ALA B 63 -20.05 14.37 -8.86
C ALA B 63 -18.58 14.67 -8.51
N ALA B 64 -17.95 13.74 -7.79
CA ALA B 64 -16.56 13.87 -7.36
C ALA B 64 -15.59 13.31 -8.41
N LYS B 65 -15.85 12.09 -8.88
CA LYS B 65 -14.98 11.45 -9.87
C LYS B 65 -15.72 10.65 -10.95
N HIS B 66 -15.21 10.71 -12.18
CA HIS B 66 -15.67 9.81 -13.25
C HIS B 66 -14.88 8.50 -13.21
N ILE B 67 -15.59 7.38 -13.17
CA ILE B 67 -14.99 6.04 -13.11
C ILE B 67 -15.34 5.20 -14.36
N ILE B 68 -14.32 4.59 -14.94
CA ILE B 68 -14.48 3.70 -16.09
C ILE B 68 -14.29 2.25 -15.58
N HIS B 69 -15.36 1.46 -15.55
CA HIS B 69 -15.27 0.07 -15.10
C HIS B 69 -14.88 -0.84 -16.26
N ALA B 70 -13.66 -1.36 -16.22
CA ALA B 70 -13.13 -2.18 -17.30
C ALA B 70 -12.84 -3.59 -16.81
N VAL B 71 -13.39 -4.58 -17.54
CA VAL B 71 -13.17 -6.00 -17.22
C VAL B 71 -12.06 -6.65 -18.05
N GLY B 72 -10.87 -6.80 -17.46
CA GLY B 72 -9.82 -7.64 -18.03
C GLY B 72 -10.02 -9.12 -17.68
N PRO B 73 -9.41 -10.03 -18.44
CA PRO B 73 -9.56 -11.46 -18.22
C PRO B 73 -8.96 -11.90 -16.88
N ASN B 74 -9.56 -12.95 -16.31
CA ASN B 74 -9.06 -13.64 -15.13
C ASN B 74 -8.34 -14.89 -15.63
N PHE B 75 -7.01 -14.87 -15.58
CA PHE B 75 -6.19 -15.97 -16.09
C PHE B 75 -6.22 -17.26 -15.23
N ASN B 76 -6.80 -17.19 -14.02
CA ASN B 76 -7.13 -18.42 -13.29
C ASN B 76 -8.20 -19.29 -14.01
N LYS B 77 -9.07 -18.64 -14.80
CA LYS B 77 -10.20 -19.34 -15.50
C LYS B 77 -10.06 -19.38 -17.04
N VAL B 78 -9.33 -18.42 -17.61
CA VAL B 78 -9.23 -18.26 -19.06
C VAL B 78 -7.88 -18.73 -19.61
N SER B 79 -7.90 -19.35 -20.81
CA SER B 79 -6.66 -19.81 -21.45
C SER B 79 -5.72 -18.63 -21.74
N GLU B 80 -4.45 -18.91 -22.01
CA GLU B 80 -3.49 -17.85 -22.36
C GLU B 80 -3.90 -17.13 -23.65
N VAL B 81 -4.25 -17.89 -24.69
CA VAL B 81 -4.60 -17.27 -25.99
C VAL B 81 -5.89 -16.45 -25.94
N GLU B 82 -6.95 -16.97 -25.32
CA GLU B 82 -8.16 -16.16 -25.19
C GLU B 82 -8.02 -15.02 -24.19
N GLY B 83 -7.22 -15.22 -23.14
CA GLY B 83 -6.95 -14.17 -22.17
C GLY B 83 -6.21 -13.01 -22.80
N ASP B 84 -5.25 -13.32 -23.67
CA ASP B 84 -4.47 -12.30 -24.32
C ASP B 84 -5.30 -11.39 -25.22
N LYS B 85 -6.22 -11.96 -25.98
CA LYS B 85 -7.12 -11.17 -26.84
C LYS B 85 -8.07 -10.32 -26.01
N GLN B 86 -8.54 -10.84 -24.89
CA GLN B 86 -9.49 -10.12 -24.06
C GLN B 86 -8.85 -9.01 -23.23
N LEU B 87 -7.56 -9.16 -22.92
CA LEU B 87 -6.74 -8.11 -22.28
C LEU B 87 -6.50 -6.90 -23.20
N ALA B 88 -6.12 -7.16 -24.46
CA ALA B 88 -6.08 -6.12 -25.51
C ALA B 88 -7.45 -5.42 -25.70
N GLU B 89 -8.50 -6.24 -25.74
CA GLU B 89 -9.87 -5.73 -25.86
C GLU B 89 -10.27 -4.76 -24.74
N ALA B 90 -9.97 -5.11 -23.48
CA ALA B 90 -10.36 -4.27 -22.34
C ALA B 90 -9.69 -2.90 -22.40
N TYR B 91 -8.43 -2.87 -22.81
CA TYR B 91 -7.70 -1.62 -22.97
C TYR B 91 -8.25 -0.80 -24.13
N GLU B 92 -8.61 -1.49 -25.21
CA GLU B 92 -9.27 -0.87 -26.37
C GLU B 92 -10.62 -0.22 -25.99
N SER B 93 -11.39 -0.92 -25.16
CA SER B 93 -12.65 -0.37 -24.64
C SER B 93 -12.42 0.87 -23.76
N ILE B 94 -11.28 0.94 -23.08
CA ILE B 94 -10.90 2.14 -22.29
C ILE B 94 -10.59 3.35 -23.17
N ALA B 95 -9.74 3.15 -24.17
CA ALA B 95 -9.33 4.19 -25.12
C ALA B 95 -10.53 4.77 -25.88
N LYS B 96 -11.41 3.89 -26.33
CA LYS B 96 -12.63 4.30 -27.02
C LYS B 96 -13.39 5.30 -26.16
N ILE B 97 -13.57 4.98 -24.91
CA ILE B 97 -14.33 5.81 -24.01
C ILE B 97 -13.65 7.13 -23.76
N VAL B 98 -12.33 7.08 -23.76
CA VAL B 98 -11.47 8.21 -23.49
C VAL B 98 -11.54 9.16 -24.67
N ASN B 99 -11.23 8.65 -25.85
CA ASN B 99 -11.35 9.38 -27.10
C ASN B 99 -12.73 9.97 -27.32
N ASP B 100 -13.79 9.28 -26.97
CA ASP B 100 -15.13 9.77 -27.17
C ASP B 100 -15.61 10.94 -26.33
N ASN B 101 -15.18 10.98 -25.08
CA ASN B 101 -15.48 12.03 -24.12
C ASN B 101 -14.39 13.10 -24.05
N ASN B 102 -13.36 12.91 -24.88
CA ASN B 102 -12.19 13.80 -24.95
C ASN B 102 -11.52 14.07 -23.59
N TYR B 103 -11.40 13.03 -22.76
CA TYR B 103 -10.75 13.14 -21.45
C TYR B 103 -9.25 13.47 -21.59
N LYS B 104 -8.78 14.42 -20.78
CA LYS B 104 -7.40 14.89 -20.89
C LYS B 104 -6.42 14.06 -20.06
N SER B 105 -6.85 13.68 -18.86
CA SER B 105 -5.99 12.93 -17.94
C SER B 105 -6.68 11.69 -17.37
N VAL B 106 -5.95 10.58 -17.35
CA VAL B 106 -6.55 9.32 -16.95
C VAL B 106 -5.59 8.51 -16.10
N ALA B 107 -6.11 7.90 -15.04
CA ALA B 107 -5.32 7.01 -14.20
C ALA B 107 -5.83 5.59 -14.43
N ILE B 108 -4.91 4.71 -14.77
CA ILE B 108 -5.19 3.36 -15.24
C ILE B 108 -4.28 2.39 -14.47
N PRO B 109 -4.86 1.32 -13.88
CA PRO B 109 -4.03 0.28 -13.24
C PRO B 109 -3.65 -0.75 -14.32
N LEU B 110 -2.72 -1.65 -14.06
CA LEU B 110 -2.36 -2.66 -15.04
C LEU B 110 -3.35 -3.83 -14.87
N LEU B 111 -4.21 -4.02 -15.85
CA LEU B 111 -5.27 -5.03 -15.81
C LEU B 111 -4.71 -6.45 -15.81
N SER B 112 -5.42 -7.35 -15.13
CA SER B 112 -5.16 -8.78 -15.15
C SER B 112 -3.83 -9.09 -14.51
N THR B 113 -3.52 -8.33 -13.47
CA THR B 113 -2.21 -8.35 -12.89
C THR B 113 -2.24 -8.73 -11.39
N GLY B 114 -3.44 -8.75 -10.80
CA GLY B 114 -3.55 -9.07 -9.35
C GLY B 114 -4.00 -10.52 -9.14
N ILE B 115 -5.15 -10.69 -8.49
CA ILE B 115 -5.69 -12.03 -8.29
C ILE B 115 -6.29 -12.60 -9.58
N PHE B 116 -6.27 -11.77 -10.63
CA PHE B 116 -6.68 -12.14 -12.00
C PHE B 116 -5.52 -12.65 -12.88
N SER B 117 -4.31 -12.71 -12.33
CA SER B 117 -3.13 -13.03 -13.16
C SER B 117 -2.86 -14.52 -13.33
N GLY B 118 -3.52 -15.32 -12.52
CA GLY B 118 -3.27 -16.76 -12.48
C GLY B 118 -1.89 -17.02 -11.93
N ASN B 119 -1.55 -16.29 -10.87
CA ASN B 119 -0.25 -16.39 -10.20
C ASN B 119 0.91 -16.28 -11.18
N LYS B 120 0.90 -15.26 -12.04
CA LYS B 120 1.98 -15.05 -13.02
C LYS B 120 2.32 -13.56 -13.21
N ASP B 121 3.61 -13.26 -13.32
CA ASP B 121 4.05 -11.89 -13.61
C ASP B 121 3.65 -11.47 -15.02
N ARG B 122 2.66 -10.59 -15.10
CA ARG B 122 2.11 -10.16 -16.37
C ARG B 122 2.34 -8.66 -16.63
N LEU B 123 3.42 -8.12 -16.05
CA LEU B 123 3.70 -6.68 -16.19
C LEU B 123 3.91 -6.28 -17.65
N THR B 124 4.83 -6.95 -18.34
CA THR B 124 5.16 -6.63 -19.73
C THR B 124 3.91 -6.77 -20.64
N GLN B 125 3.26 -7.93 -20.55
CA GLN B 125 2.08 -8.21 -21.31
C GLN B 125 0.99 -7.15 -21.12
N SER B 126 0.68 -6.83 -19.87
CA SER B 126 -0.38 -5.85 -19.58
C SER B 126 0.02 -4.43 -20.01
N LEU B 127 1.26 -4.05 -19.72
CA LEU B 127 1.80 -2.72 -20.12
C LEU B 127 1.75 -2.50 -21.64
N ASN B 128 2.22 -3.50 -22.40
CA ASN B 128 2.20 -3.41 -23.88
C ASN B 128 0.83 -3.20 -24.51
N HIS B 129 -0.19 -3.88 -24.01
CA HIS B 129 -1.54 -3.69 -24.49
C HIS B 129 -2.05 -2.37 -24.04
N LEU B 130 -1.51 -1.89 -22.94
CA LEU B 130 -1.92 -0.64 -22.35
C LEU B 130 -1.45 0.44 -23.29
N LEU B 131 -0.19 0.39 -23.61
CA LEU B 131 0.42 1.38 -24.45
C LEU B 131 -0.29 1.45 -25.78
N THR B 132 -0.48 0.30 -26.42
CA THR B 132 -1.08 0.17 -27.77
C THR B 132 -2.45 0.81 -27.88
N ALA B 133 -3.31 0.56 -26.90
CA ALA B 133 -4.63 1.19 -26.83
C ALA B 133 -4.57 2.71 -26.60
N LEU B 134 -3.79 3.14 -25.61
CA LEU B 134 -3.79 4.55 -25.25
C LEU B 134 -3.06 5.49 -26.24
N ASP B 135 -2.24 4.91 -27.12
CA ASP B 135 -1.58 5.65 -28.21
C ASP B 135 -2.59 6.18 -29.22
N THR B 136 -3.79 5.63 -29.19
CA THR B 136 -4.92 6.08 -30.02
C THR B 136 -5.70 7.19 -29.28
N THR B 137 -5.20 7.56 -28.10
CA THR B 137 -5.65 8.76 -27.37
C THR B 137 -4.48 9.73 -27.27
N ASP B 138 -4.74 10.94 -26.79
CA ASP B 138 -3.63 11.91 -26.60
C ASP B 138 -3.68 12.41 -25.17
N ALA B 139 -4.14 11.51 -24.29
CA ALA B 139 -4.29 11.83 -22.89
C ALA B 139 -2.95 11.86 -22.19
N ASP B 140 -2.95 12.50 -21.03
CA ASP B 140 -1.88 12.33 -20.10
C ASP B 140 -2.32 11.16 -19.20
N VAL B 141 -1.56 10.07 -19.27
CA VAL B 141 -1.89 8.81 -18.61
C VAL B 141 -0.98 8.54 -17.41
N ALA B 142 -1.55 8.40 -16.22
CA ALA B 142 -0.76 7.91 -15.08
C ALA B 142 -0.97 6.41 -14.97
N ILE B 143 0.11 5.65 -15.14
CA ILE B 143 0.05 4.19 -15.01
C ILE B 143 0.31 3.85 -13.55
N TYR B 144 -0.72 3.34 -12.88
CA TYR B 144 -0.62 3.02 -11.44
C TYR B 144 -0.08 1.64 -11.12
N CYS B 145 0.73 1.56 -10.07
CA CYS B 145 1.23 0.28 -9.57
C CYS B 145 1.32 0.32 -8.05
N ARG B 146 1.64 -0.80 -7.46
CA ARG B 146 1.67 -0.95 -6.03
C ARG B 146 3.05 -1.24 -5.49
N ASP B 147 3.87 -1.96 -6.22
CA ASP B 147 5.12 -2.56 -5.74
C ASP B 147 6.32 -1.68 -6.07
N LYS B 148 7.36 -1.75 -5.27
CA LYS B 148 8.59 -1.02 -5.56
C LYS B 148 9.30 -1.58 -6.79
N LYS B 149 9.49 -2.90 -6.85
CA LYS B 149 10.12 -3.53 -8.02
C LYS B 149 9.35 -3.24 -9.30
N TRP B 150 8.03 -3.38 -9.25
CA TRP B 150 7.19 -3.07 -10.40
C TRP B 150 7.32 -1.61 -10.82
N GLU B 151 7.31 -0.69 -9.84
CA GLU B 151 7.50 0.74 -10.14
C GLU B 151 8.76 1.00 -10.95
N MET B 152 9.89 0.43 -10.51
CA MET B 152 11.18 0.59 -11.23
C MET B 152 11.09 0.08 -12.64
N THR B 153 10.58 -1.15 -12.78
CA THR B 153 10.51 -1.82 -14.06
C THR B 153 9.61 -1.05 -15.02
N LEU B 154 8.50 -0.53 -14.52
CA LEU B 154 7.60 0.26 -15.34
C LEU B 154 8.25 1.56 -15.82
N LYS B 155 8.85 2.31 -14.89
CA LYS B 155 9.48 3.60 -15.19
C LYS B 155 10.49 3.47 -16.33
N GLU B 156 11.31 2.47 -16.23
CA GLU B 156 12.34 2.21 -17.16
C GLU B 156 11.86 1.74 -18.52
N ALA B 157 10.72 1.07 -18.57
CA ALA B 157 10.08 0.65 -19.82
C ALA B 157 9.30 1.76 -20.50
N VAL B 158 8.85 2.75 -19.73
CA VAL B 158 8.16 3.91 -20.29
C VAL B 158 9.15 4.96 -20.84
N ALA B 159 10.33 5.05 -20.23
CA ALA B 159 11.40 5.94 -20.68
C ALA B 159 11.93 5.57 -22.05
N ARG B 160 12.08 4.29 -22.29
CA ARG B 160 12.77 3.82 -23.46
C ARG B 160 11.95 2.97 -24.37
#